data_6AO5
#
_entry.id   6AO5
#
_cell.length_a   223.678
_cell.length_b   223.678
_cell.length_c   79.645
_cell.angle_alpha   90.000
_cell.angle_beta   90.000
_cell.angle_gamma   120.000
#
_symmetry.space_group_name_H-M   'H 3 2'
#
loop_
_entity.id
_entity.type
_entity.pdbx_description
1 polymer 'Serine/threonine-protein kinase 3'
2 polymer 'Protein salvador homolog 1'
3 non-polymer 'PHOSPHOAMINOPHOSPHONIC ACID-ADENYLATE ESTER'
4 non-polymer 'MAGNESIUM ION'
#
loop_
_entity_poly.entity_id
_entity_poly.type
_entity_poly.pdbx_seq_one_letter_code
_entity_poly.pdbx_strand_id
1 'polypeptide(L)'
;EDSLTKQPEEVFDVLEKLGEGSYGSVFKAIHKESGQVVAIKQVPVESDLQEIIKEISIMQQCDSPYVVKYYGSYFKNTDL
WIVMEYCGAGSVSDIIRLRNKTLIEDEIATILKSTLKGLEYLHFMRKIHRNIKAGNILLNTEGHAKLADFGVAGQLTDTM
AKRNTVIGTPFWMAPEVIQEIGYNCVADIWSLGITSIEMAEGKPPYADIHPMRAIFMIPTNPPPTFRKPELWSDDFTDFV
KKCLVKNPEQRATATQLLQHPFIKNAKPVSILRDLITEAMEIKAKRHEEQQRELEEEENWKVPQDGDFDFLKNLSLEELQ
MRLKALDPMMEREIEELRQRYTAKRQPILDAMDAKKRRQQNF
;
A
2 'polypeptide(L)'
;SLLVPANPYHTAEIPDWLQVYARAPVKYDHILKWELFQLADLDTYQGMLKLLFMKELEQIVKMYEAYRQALLTELENRKQ
RQQWYAQQHGKNF
;
B
#
loop_
_chem_comp.id
_chem_comp.type
_chem_comp.name
_chem_comp.formula
ANP non-polymer 'PHOSPHOAMINOPHOSPHONIC ACID-ADENYLATE ESTER' 'C10 H17 N6 O12 P3'
MG non-polymer 'MAGNESIUM ION' 'Mg 2'
#
# COMPACT_ATOMS: atom_id res chain seq x y z
N ASP A 13 -14.16 -6.61 0.62
CA ASP A 13 -13.05 -7.47 0.28
C ASP A 13 -11.78 -7.00 1.02
N VAL A 14 -10.70 -7.78 0.95
CA VAL A 14 -9.51 -7.47 1.74
C VAL A 14 -8.31 -8.28 1.26
N LEU A 15 -7.32 -7.59 0.67
CA LEU A 15 -6.03 -8.20 0.34
C LEU A 15 -4.93 -7.21 0.74
N GLU A 16 -3.69 -7.50 0.32
CA GLU A 16 -2.50 -6.88 0.88
C GLU A 16 -2.29 -5.45 0.35
N LYS A 17 -1.16 -4.87 0.73
CA LYS A 17 -0.78 -3.48 0.44
C LYS A 17 -0.11 -3.38 -0.93
N LEU A 18 -0.07 -2.15 -1.45
CA LEU A 18 0.70 -1.87 -2.67
C LEU A 18 1.59 -0.64 -2.49
N GLY A 19 1.13 0.35 -1.75
CA GLY A 19 1.90 1.55 -1.50
C GLY A 19 1.01 2.73 -1.21
N GLU A 20 1.63 3.91 -1.18
CA GLU A 20 0.95 5.17 -0.92
C GLU A 20 1.76 6.33 -1.47
N GLY A 21 2.73 6.80 -0.70
CA GLY A 21 3.68 7.80 -1.16
C GLY A 21 3.08 9.05 -1.78
N SER A 22 1.80 9.31 -1.54
CA SER A 22 1.17 10.50 -2.11
C SER A 22 -0.07 10.90 -1.31
N TYR A 23 -1.21 10.23 -1.55
CA TYR A 23 -2.45 10.57 -0.87
C TYR A 23 -2.68 9.50 0.18
N GLY A 24 -3.53 8.49 -0.08
CA GLY A 24 -3.75 7.40 0.83
C GLY A 24 -3.36 6.08 0.20
N SER A 25 -3.54 5.01 0.98
CA SER A 25 -3.12 3.69 0.56
C SER A 25 -3.93 3.20 -0.63
N VAL A 26 -3.27 2.40 -1.46
CA VAL A 26 -3.90 1.71 -2.59
C VAL A 26 -3.71 0.22 -2.35
N PHE A 27 -4.77 -0.56 -2.54
CA PHE A 27 -4.77 -1.96 -2.14
C PHE A 27 -5.14 -2.86 -3.31
N LYS A 28 -4.66 -4.09 -3.21
CA LYS A 28 -5.02 -5.18 -4.12
C LYS A 28 -6.22 -5.93 -3.57
N ALA A 29 -6.96 -6.60 -4.44
CA ALA A 29 -8.20 -7.24 -4.02
C ALA A 29 -8.68 -8.23 -5.08
N ILE A 30 -9.54 -9.15 -4.64
CA ILE A 30 -10.14 -10.17 -5.49
C ILE A 30 -11.64 -10.14 -5.31
N HIS A 31 -12.38 -10.05 -6.40
CA HIS A 31 -13.84 -10.07 -6.34
C HIS A 31 -14.44 -10.79 -7.54
N VAL A 37 -9.15 -10.40 -10.39
CA VAL A 37 -8.41 -9.57 -9.45
C VAL A 37 -8.54 -8.10 -9.85
N VAL A 38 -8.53 -7.21 -8.85
CA VAL A 38 -8.70 -5.78 -9.06
C VAL A 38 -7.77 -5.03 -8.10
N ALA A 39 -7.73 -3.70 -8.27
CA ALA A 39 -7.01 -2.81 -7.37
C ALA A 39 -7.94 -1.68 -6.94
N ILE A 40 -7.69 -1.14 -5.74
CA ILE A 40 -8.56 -0.12 -5.16
C ILE A 40 -7.70 1.02 -4.61
N LYS A 41 -8.18 2.25 -4.76
CA LYS A 41 -7.49 3.44 -4.30
C LYS A 41 -8.32 4.17 -3.26
N GLN A 42 -7.63 4.83 -2.33
CA GLN A 42 -8.28 5.57 -1.26
C GLN A 42 -7.72 6.99 -1.15
N ASP A 48 -20.06 18.07 -2.78
CA ASP A 48 -18.79 17.56 -3.31
C ASP A 48 -18.90 16.09 -3.67
N LEU A 49 -19.95 15.42 -3.18
CA LEU A 49 -20.14 14.01 -3.48
C LEU A 49 -20.80 13.80 -4.83
N GLN A 50 -21.82 14.61 -5.16
CA GLN A 50 -22.47 14.50 -6.46
C GLN A 50 -21.49 14.79 -7.59
N GLU A 51 -20.43 15.55 -7.32
CA GLU A 51 -19.42 15.80 -8.33
C GLU A 51 -18.44 14.64 -8.45
N ILE A 52 -18.08 14.03 -7.31
CA ILE A 52 -17.25 12.83 -7.32
C ILE A 52 -17.93 11.72 -8.12
N ILE A 53 -19.25 11.58 -7.95
CA ILE A 53 -19.97 10.48 -8.59
C ILE A 53 -19.92 10.61 -10.11
N LYS A 54 -20.16 11.82 -10.62
CA LYS A 54 -20.13 12.01 -12.07
C LYS A 54 -18.71 11.94 -12.61
N GLU A 55 -17.69 12.10 -11.76
CA GLU A 55 -16.32 11.99 -12.23
C GLU A 55 -15.96 10.54 -12.54
N ILE A 56 -16.23 9.63 -11.61
CA ILE A 56 -15.99 8.20 -11.88
C ILE A 56 -16.91 7.72 -12.99
N SER A 57 -18.15 8.23 -13.02
CA SER A 57 -19.10 7.80 -14.04
C SER A 57 -18.57 8.06 -15.44
N ILE A 58 -17.66 9.04 -15.59
CA ILE A 58 -17.11 9.41 -16.88
C ILE A 58 -15.77 8.70 -17.08
N MET A 59 -15.07 8.41 -15.97
CA MET A 59 -13.88 7.58 -16.07
C MET A 59 -14.21 6.17 -16.53
N GLN A 60 -15.46 5.74 -16.36
CA GLN A 60 -15.86 4.41 -16.80
C GLN A 60 -16.09 4.33 -18.30
N GLN A 61 -16.42 5.46 -18.94
CA GLN A 61 -16.66 5.48 -20.37
C GLN A 61 -15.39 5.28 -21.19
N CYS A 62 -14.23 5.16 -20.55
CA CYS A 62 -12.98 5.00 -21.25
C CYS A 62 -12.73 3.52 -21.56
N ASP A 63 -12.43 3.24 -22.83
CA ASP A 63 -12.21 1.87 -23.31
C ASP A 63 -11.00 1.90 -24.23
N SER A 64 -9.81 1.79 -23.64
CA SER A 64 -8.58 1.80 -24.40
C SER A 64 -7.62 0.80 -23.77
N PRO A 65 -6.84 0.07 -24.58
CA PRO A 65 -5.82 -0.82 -24.00
C PRO A 65 -4.64 -0.06 -23.43
N TYR A 66 -4.54 1.24 -23.70
CA TYR A 66 -3.45 2.08 -23.22
C TYR A 66 -3.86 2.91 -22.01
N VAL A 67 -4.97 2.56 -21.35
CA VAL A 67 -5.50 3.32 -20.23
C VAL A 67 -6.07 2.35 -19.21
N VAL A 68 -5.67 2.51 -17.95
CA VAL A 68 -6.23 1.70 -16.87
C VAL A 68 -7.74 1.90 -16.83
N LYS A 69 -8.47 0.80 -16.75
CA LYS A 69 -9.92 0.83 -16.74
C LYS A 69 -10.44 1.01 -15.32
N TYR A 70 -11.38 1.94 -15.15
CA TYR A 70 -12.03 2.17 -13.87
C TYR A 70 -13.40 1.51 -13.88
N TYR A 71 -13.74 0.85 -12.78
CA TYR A 71 -14.96 0.05 -12.70
C TYR A 71 -16.03 0.80 -11.92
N GLY A 72 -15.87 0.85 -10.60
CA GLY A 72 -16.81 1.56 -9.74
C GLY A 72 -16.08 2.24 -8.61
N SER A 73 -16.86 2.84 -7.72
CA SER A 73 -16.34 3.53 -6.54
C SER A 73 -17.24 3.18 -5.37
N TYR A 74 -16.71 2.39 -4.43
CA TYR A 74 -17.49 1.95 -3.28
C TYR A 74 -17.99 3.16 -2.49
N PHE A 75 -19.32 3.22 -2.32
CA PHE A 75 -19.95 4.31 -1.60
C PHE A 75 -19.65 4.23 -0.10
N LEU A 80 -14.20 8.05 0.15
CA LEU A 80 -14.30 7.47 -1.17
C LEU A 80 -13.29 6.34 -1.35
N TRP A 81 -13.76 5.19 -1.85
CA TRP A 81 -12.89 4.09 -2.25
C TRP A 81 -13.14 3.80 -3.72
N ILE A 82 -12.06 3.73 -4.50
CA ILE A 82 -12.14 3.56 -5.94
C ILE A 82 -11.68 2.16 -6.31
N VAL A 83 -12.27 1.63 -7.38
CA VAL A 83 -11.89 0.32 -7.92
C VAL A 83 -11.38 0.53 -9.33
N MET A 84 -10.26 -0.13 -9.65
CA MET A 84 -9.64 0.01 -10.96
C MET A 84 -9.02 -1.32 -11.37
N GLU A 85 -8.65 -1.41 -12.64
CA GLU A 85 -7.96 -2.58 -13.16
C GLU A 85 -6.65 -2.80 -12.40
N TYR A 86 -6.28 -4.06 -12.24
CA TYR A 86 -5.03 -4.43 -11.57
C TYR A 86 -3.92 -4.63 -12.59
N CYS A 87 -2.82 -3.93 -12.40
CA CYS A 87 -1.62 -4.06 -13.23
C CYS A 87 -0.51 -4.68 -12.40
N GLY A 88 -0.04 -5.86 -12.83
CA GLY A 88 0.77 -6.70 -11.97
C GLY A 88 2.21 -6.23 -11.79
N ALA A 89 2.77 -5.57 -12.79
CA ALA A 89 4.16 -5.14 -12.72
C ALA A 89 4.33 -3.81 -11.98
N GLY A 90 3.24 -3.18 -11.55
CA GLY A 90 3.33 -1.89 -10.89
C GLY A 90 3.65 -0.76 -11.87
N SER A 91 3.96 0.40 -11.28
CA SER A 91 4.33 1.56 -12.06
C SER A 91 5.81 1.51 -12.41
N VAL A 92 6.18 2.22 -13.48
CA VAL A 92 7.58 2.27 -13.86
C VAL A 92 8.40 2.91 -12.75
N SER A 93 7.76 3.72 -11.91
CA SER A 93 8.44 4.29 -10.75
C SER A 93 8.83 3.22 -9.74
N ASP A 94 7.89 2.34 -9.38
CA ASP A 94 8.21 1.25 -8.48
C ASP A 94 9.30 0.36 -9.06
N ILE A 95 9.24 0.09 -10.36
CA ILE A 95 10.25 -0.76 -11.00
C ILE A 95 11.62 -0.08 -10.95
N ILE A 96 11.66 1.24 -11.09
CA ILE A 96 12.93 1.93 -10.99
C ILE A 96 13.50 1.84 -9.57
N ARG A 97 12.63 1.95 -8.57
CA ARG A 97 13.09 1.91 -7.19
C ARG A 97 13.45 0.51 -6.76
N LEU A 98 12.69 -0.49 -7.21
CA LEU A 98 12.92 -1.87 -6.77
C LEU A 98 14.23 -2.42 -7.32
N ARG A 99 14.50 -2.18 -8.61
CA ARG A 99 15.76 -2.62 -9.20
C ARG A 99 16.91 -1.67 -8.91
N ASN A 100 16.62 -0.47 -8.38
CA ASN A 100 17.64 0.55 -8.17
C ASN A 100 18.35 0.93 -9.45
N LYS A 101 17.66 0.81 -10.59
CA LYS A 101 18.23 1.13 -11.88
C LYS A 101 17.27 2.03 -12.64
N THR A 102 17.82 3.06 -13.27
CA THR A 102 17.04 3.82 -14.24
C THR A 102 16.85 2.99 -15.50
N LEU A 103 15.96 3.44 -16.36
CA LEU A 103 15.69 2.73 -17.61
C LEU A 103 16.61 3.22 -18.71
N ILE A 104 16.96 2.31 -19.61
CA ILE A 104 17.77 2.64 -20.78
C ILE A 104 16.88 3.37 -21.76
N GLU A 105 17.34 3.51 -23.00
CA GLU A 105 16.64 4.27 -24.03
C GLU A 105 15.58 3.45 -24.75
N ASP A 106 15.89 2.20 -25.11
CA ASP A 106 14.89 1.35 -25.75
C ASP A 106 13.73 1.09 -24.81
N GLU A 107 14.00 0.89 -23.52
CA GLU A 107 12.94 0.67 -22.55
C GLU A 107 12.03 1.87 -22.46
N ILE A 108 12.60 3.08 -22.43
CA ILE A 108 11.79 4.30 -22.39
C ILE A 108 10.96 4.42 -23.67
N ALA A 109 11.62 4.38 -24.83
CA ALA A 109 10.91 4.52 -26.10
C ALA A 109 9.74 3.55 -26.19
N THR A 110 9.95 2.29 -25.80
CA THR A 110 8.87 1.31 -25.86
C THR A 110 7.71 1.71 -24.97
N ILE A 111 8.02 2.18 -23.75
CA ILE A 111 6.96 2.62 -22.84
C ILE A 111 6.31 3.89 -23.35
N LEU A 112 7.11 4.85 -23.79
CA LEU A 112 6.56 6.14 -24.20
C LEU A 112 5.64 5.98 -25.41
N LYS A 113 6.01 5.12 -26.36
CA LYS A 113 5.11 4.86 -27.49
C LYS A 113 3.74 4.43 -26.99
N SER A 114 3.70 3.41 -26.14
CA SER A 114 2.42 2.95 -25.58
C SER A 114 1.81 4.02 -24.68
N THR A 115 2.64 4.82 -24.02
CA THR A 115 2.11 5.94 -23.22
C THR A 115 1.47 6.99 -24.11
N LEU A 116 2.13 7.35 -25.21
CA LEU A 116 1.61 8.37 -26.11
C LEU A 116 0.29 7.93 -26.74
N LYS A 117 0.23 6.71 -27.26
CA LYS A 117 -1.07 6.11 -27.51
C LYS A 117 -1.83 6.05 -26.19
N GLY A 118 -3.12 6.32 -26.22
CA GLY A 118 -3.91 6.38 -25.01
C GLY A 118 -3.87 7.76 -24.38
N LEU A 119 -2.72 8.43 -24.47
CA LEU A 119 -2.70 9.87 -24.26
C LEU A 119 -3.36 10.58 -25.44
N GLU A 120 -3.06 10.11 -26.65
CA GLU A 120 -3.83 10.49 -27.83
C GLU A 120 -5.31 10.18 -27.65
N TYR A 121 -5.63 9.06 -27.00
CA TYR A 121 -7.03 8.66 -26.85
C TYR A 121 -7.77 9.59 -25.90
N LEU A 122 -7.18 9.88 -24.74
CA LEU A 122 -7.84 10.80 -23.81
C LEU A 122 -8.06 12.15 -24.46
N HIS A 123 -7.09 12.61 -25.25
CA HIS A 123 -7.25 13.88 -25.96
C HIS A 123 -8.30 13.76 -27.06
N PHE A 124 -8.49 12.55 -27.60
CA PHE A 124 -9.58 12.33 -28.54
C PHE A 124 -10.93 12.58 -27.87
N MET A 125 -11.09 12.09 -26.63
CA MET A 125 -12.33 12.27 -25.89
C MET A 125 -12.33 13.59 -25.13
N ARG A 126 -11.65 14.60 -25.67
CA ARG A 126 -11.54 15.92 -25.06
C ARG A 126 -11.39 15.85 -23.55
N LYS A 127 -10.53 14.95 -23.09
CA LYS A 127 -10.08 14.90 -21.72
C LYS A 127 -8.60 15.27 -21.66
N ILE A 128 -8.17 15.81 -20.52
CA ILE A 128 -6.77 16.08 -20.25
C ILE A 128 -6.39 15.31 -19.00
N HIS A 129 -5.32 14.52 -19.09
CA HIS A 129 -4.91 13.68 -17.97
C HIS A 129 -4.57 14.52 -16.74
N ARG A 130 -3.76 15.57 -16.92
CA ARG A 130 -3.44 16.56 -15.91
C ARG A 130 -2.42 16.05 -14.88
N ASN A 131 -2.47 14.76 -14.54
CA ASN A 131 -1.33 14.16 -13.84
C ASN A 131 -0.35 13.72 -14.92
N ILE A 132 0.33 12.59 -14.72
CA ILE A 132 1.32 12.00 -15.64
C ILE A 132 2.67 12.13 -14.97
N LYS A 133 3.28 10.99 -14.68
CA LYS A 133 4.52 10.87 -13.95
C LYS A 133 4.82 9.39 -13.93
N ALA A 134 6.10 9.05 -13.72
CA ALA A 134 6.48 7.64 -13.74
C ALA A 134 5.57 6.80 -12.85
N GLY A 135 4.99 7.41 -11.80
CA GLY A 135 4.18 6.65 -10.86
C GLY A 135 2.81 6.30 -11.40
N ASN A 136 2.27 7.08 -12.34
CA ASN A 136 0.96 6.81 -12.91
C ASN A 136 1.03 6.11 -14.27
N ILE A 137 2.22 5.64 -14.66
CA ILE A 137 2.37 4.79 -15.84
C ILE A 137 2.48 3.36 -15.32
N LEU A 138 1.41 2.58 -15.44
CA LEU A 138 1.36 1.24 -14.91
C LEU A 138 1.58 0.21 -16.02
N LEU A 139 2.19 -0.91 -15.66
CA LEU A 139 2.54 -1.97 -16.60
C LEU A 139 1.86 -3.27 -16.18
N ASN A 140 1.20 -3.94 -17.13
CA ASN A 140 0.76 -5.30 -16.86
C ASN A 140 1.93 -6.25 -17.10
N THR A 141 1.72 -7.52 -16.72
CA THR A 141 2.81 -8.49 -16.81
C THR A 141 3.29 -8.66 -18.25
N GLU A 142 2.40 -8.48 -19.23
CA GLU A 142 2.81 -8.55 -20.62
C GLU A 142 3.72 -7.39 -21.02
N GLY A 143 3.80 -6.34 -20.20
CA GLY A 143 4.60 -5.17 -20.51
C GLY A 143 3.84 -4.01 -21.10
N HIS A 144 2.51 -4.14 -21.26
CA HIS A 144 1.71 -3.04 -21.80
C HIS A 144 1.61 -1.91 -20.78
N ALA A 145 2.05 -0.73 -21.17
CA ALA A 145 1.94 0.43 -20.30
C ALA A 145 0.57 1.08 -20.42
N LYS A 146 0.01 1.50 -19.28
CA LYS A 146 -1.33 2.04 -19.23
C LYS A 146 -1.36 3.26 -18.32
N LEU A 147 -2.06 4.30 -18.76
CA LEU A 147 -2.20 5.51 -17.97
C LEU A 147 -3.22 5.31 -16.86
N ALA A 148 -2.99 6.00 -15.75
CA ALA A 148 -3.85 5.88 -14.57
C ALA A 148 -3.95 7.22 -13.87
N ASP A 149 -5.02 7.38 -13.10
CA ASP A 149 -5.23 8.54 -12.25
C ASP A 149 -5.40 9.85 -13.03
N PHE A 150 -6.56 10.07 -13.63
CA PHE A 150 -6.89 11.36 -14.21
C PHE A 150 -7.97 12.09 -13.43
N GLY A 151 -9.05 11.41 -13.07
CA GLY A 151 -10.08 12.02 -12.24
C GLY A 151 -9.83 11.82 -10.75
N VAL A 152 -8.56 11.69 -10.37
CA VAL A 152 -8.20 11.52 -8.96
C VAL A 152 -6.92 12.31 -8.69
N ALA A 153 -7.00 13.63 -8.82
CA ALA A 153 -5.85 14.50 -8.57
C ALA A 153 -6.30 15.79 -7.92
N VAL A 166 -2.96 24.11 -0.17
CA VAL A 166 -3.46 25.10 -1.11
C VAL A 166 -2.78 24.91 -2.48
N ILE A 167 -1.71 24.11 -2.50
CA ILE A 167 -1.10 23.69 -3.75
C ILE A 167 -0.18 22.52 -3.45
N GLY A 168 0.11 21.72 -4.47
CA GLY A 168 0.97 20.56 -4.32
C GLY A 168 2.25 20.60 -5.15
N THR A 169 2.91 19.45 -5.24
CA THR A 169 4.20 19.33 -5.93
C THR A 169 4.07 19.63 -7.41
N PRO A 170 4.79 20.63 -7.96
CA PRO A 170 4.65 20.93 -9.39
C PRO A 170 5.92 20.70 -10.20
N PHE A 171 6.44 19.48 -10.20
CA PHE A 171 7.62 19.19 -11.01
C PHE A 171 7.24 18.82 -12.43
N TRP A 172 6.17 18.04 -12.58
CA TRP A 172 5.70 17.59 -13.89
C TRP A 172 4.73 18.55 -14.55
N MET A 173 4.28 19.58 -13.83
CA MET A 173 3.32 20.53 -14.40
C MET A 173 3.99 21.38 -15.47
N ALA A 174 3.23 21.72 -16.50
CA ALA A 174 3.71 22.62 -17.53
C ALA A 174 3.68 24.06 -17.01
N PRO A 175 4.38 24.98 -17.69
CA PRO A 175 4.38 26.37 -17.20
C PRO A 175 3.00 26.99 -17.12
N GLU A 176 2.17 26.83 -18.14
CA GLU A 176 0.87 27.49 -18.14
C GLU A 176 -0.04 26.91 -17.06
N VAL A 177 0.16 25.64 -16.69
CA VAL A 177 -0.62 25.05 -15.61
C VAL A 177 -0.18 25.62 -14.27
N ILE A 178 1.13 25.86 -14.11
CA ILE A 178 1.64 26.51 -12.90
C ILE A 178 1.12 27.94 -12.82
N GLN A 179 1.34 28.72 -13.88
CA GLN A 179 0.93 30.12 -13.92
C GLN A 179 -0.58 30.31 -13.92
N GLU A 180 -1.36 29.23 -13.94
CA GLU A 180 -2.82 29.28 -13.99
C GLU A 180 -3.33 30.06 -15.20
N ILE A 181 -2.47 30.28 -16.19
CA ILE A 181 -2.96 30.61 -17.51
C ILE A 181 -3.77 29.42 -18.02
N GLY A 182 -4.61 29.66 -19.02
CA GLY A 182 -5.32 28.57 -19.66
C GLY A 182 -4.38 27.49 -20.15
N TYR A 183 -4.91 26.30 -20.44
CA TYR A 183 -4.09 25.24 -20.98
C TYR A 183 -4.98 24.23 -21.70
N ASN A 184 -4.35 23.43 -22.55
CA ASN A 184 -5.05 22.51 -23.44
C ASN A 184 -4.46 21.11 -23.26
N CYS A 185 -4.58 20.29 -24.31
CA CYS A 185 -4.19 18.89 -24.20
C CYS A 185 -2.67 18.72 -24.13
N VAL A 186 -1.89 19.64 -24.69
CA VAL A 186 -0.43 19.46 -24.71
C VAL A 186 0.22 19.75 -23.37
N ALA A 187 -0.55 20.22 -22.37
CA ALA A 187 -0.01 20.27 -21.02
C ALA A 187 0.50 18.91 -20.59
N ASP A 188 -0.14 17.83 -21.07
CA ASP A 188 0.35 16.49 -20.79
C ASP A 188 1.68 16.21 -21.46
N ILE A 189 1.91 16.79 -22.64
CA ILE A 189 3.14 16.52 -23.37
C ILE A 189 4.35 17.06 -22.62
N TRP A 190 4.22 18.23 -22.02
CA TRP A 190 5.29 18.72 -21.15
C TRP A 190 5.56 17.70 -20.05
N SER A 191 4.53 17.30 -19.31
CA SER A 191 4.70 16.28 -18.27
C SER A 191 5.36 15.03 -18.83
N LEU A 192 5.02 14.66 -20.06
CA LEU A 192 5.63 13.49 -20.67
C LEU A 192 7.13 13.67 -20.84
N GLY A 193 7.55 14.87 -21.23
CA GLY A 193 8.98 15.15 -21.31
C GLY A 193 9.65 15.08 -19.94
N ILE A 194 9.04 15.71 -18.94
CA ILE A 194 9.56 15.61 -17.58
C ILE A 194 9.61 14.15 -17.15
N THR A 195 8.57 13.38 -17.49
CA THR A 195 8.52 11.99 -17.08
C THR A 195 9.65 11.20 -17.74
N SER A 196 9.90 11.43 -19.02
CA SER A 196 10.96 10.68 -19.70
C SER A 196 12.32 10.99 -19.10
N ILE A 197 12.53 12.22 -18.65
CA ILE A 197 13.74 12.54 -17.89
C ILE A 197 13.73 11.77 -16.57
N GLU A 198 12.56 11.68 -15.93
CA GLU A 198 12.46 10.94 -14.67
C GLU A 198 12.84 9.48 -14.86
N MET A 199 12.39 8.86 -15.96
CA MET A 199 12.75 7.47 -16.23
C MET A 199 14.24 7.32 -16.48
N ALA A 200 14.86 8.32 -17.11
CA ALA A 200 16.24 8.20 -17.56
C ALA A 200 17.23 8.51 -16.44
N GLU A 201 16.87 9.42 -15.53
CA GLU A 201 17.76 9.83 -14.45
C GLU A 201 17.25 9.45 -13.06
N GLY A 202 16.03 8.95 -12.96
CA GLY A 202 15.47 8.56 -11.69
C GLY A 202 14.77 9.67 -10.93
N LYS A 203 14.86 10.92 -11.40
CA LYS A 203 14.25 12.05 -10.71
C LYS A 203 13.87 13.09 -11.75
N PRO A 204 12.81 13.85 -11.52
CA PRO A 204 12.48 14.95 -12.41
C PRO A 204 13.46 16.09 -12.24
N PRO A 205 13.55 17.01 -13.20
CA PRO A 205 14.30 18.24 -12.96
C PRO A 205 13.77 18.94 -11.71
N TYR A 206 14.66 19.68 -11.06
CA TYR A 206 14.33 20.43 -9.85
C TYR A 206 13.93 19.52 -8.68
N ALA A 207 14.18 18.21 -8.77
CA ALA A 207 13.76 17.29 -7.72
C ALA A 207 14.35 17.67 -6.37
N ASP A 208 15.64 17.97 -6.34
CA ASP A 208 16.33 18.24 -5.08
C ASP A 208 15.97 19.61 -4.51
N ILE A 209 15.39 20.50 -5.30
CA ILE A 209 15.03 21.83 -4.83
C ILE A 209 13.73 21.77 -4.04
N HIS A 210 13.55 22.74 -3.15
CA HIS A 210 12.30 22.89 -2.43
C HIS A 210 11.17 23.13 -3.45
N PRO A 211 10.08 22.35 -3.40
CA PRO A 211 9.04 22.48 -4.44
C PRO A 211 8.51 23.89 -4.61
N MET A 212 8.34 24.64 -3.51
CA MET A 212 7.78 25.98 -3.61
C MET A 212 8.70 26.95 -4.34
N ARG A 213 9.98 26.60 -4.49
CA ARG A 213 10.86 27.38 -5.36
C ARG A 213 10.65 27.01 -6.82
N ALA A 214 10.42 25.72 -7.09
CA ALA A 214 10.24 25.26 -8.47
C ALA A 214 9.05 25.92 -9.14
N ILE A 215 8.00 26.22 -8.37
CA ILE A 215 6.81 26.84 -8.95
C ILE A 215 7.18 28.07 -9.77
N PHE A 216 8.14 28.85 -9.28
CA PHE A 216 8.49 30.11 -9.89
C PHE A 216 9.71 30.03 -10.78
N MET A 217 10.48 28.95 -10.68
CA MET A 217 11.61 28.73 -11.57
C MET A 217 11.15 28.08 -12.89
N ILE A 218 10.17 27.18 -12.81
CA ILE A 218 9.72 26.48 -14.01
C ILE A 218 9.21 27.42 -15.09
N PRO A 219 8.30 28.36 -14.79
CA PRO A 219 7.83 29.26 -15.86
C PRO A 219 8.92 30.19 -16.38
N THR A 220 9.86 30.61 -15.52
CA THR A 220 10.88 31.56 -15.92
C THR A 220 12.05 30.89 -16.61
N ASN A 221 12.63 29.87 -15.96
CA ASN A 221 13.87 29.28 -16.46
C ASN A 221 13.63 28.52 -17.76
N PRO A 222 14.63 28.39 -18.62
CA PRO A 222 14.46 27.70 -19.90
C PRO A 222 14.12 26.24 -19.67
N PRO A 223 13.75 25.51 -20.74
CA PRO A 223 13.34 24.12 -20.58
C PRO A 223 14.44 23.29 -19.93
N PRO A 224 14.09 22.34 -19.08
CA PRO A 224 15.10 21.44 -18.53
C PRO A 224 15.69 20.54 -19.61
N THR A 225 16.88 20.01 -19.31
CA THR A 225 17.57 19.09 -20.20
C THR A 225 18.14 17.95 -19.37
N PHE A 226 18.87 17.06 -20.02
CA PHE A 226 19.54 15.97 -19.33
C PHE A 226 20.75 16.50 -18.55
N ARG A 227 21.04 15.85 -17.41
CA ARG A 227 22.19 16.24 -16.62
C ARG A 227 23.50 15.77 -17.23
N LYS A 228 23.46 14.73 -18.07
CA LYS A 228 24.64 14.28 -18.82
C LYS A 228 24.20 14.01 -20.25
N PRO A 229 24.06 15.06 -21.07
CA PRO A 229 23.50 14.87 -22.42
C PRO A 229 24.24 13.84 -23.26
N GLU A 230 25.54 13.65 -23.08
CA GLU A 230 26.29 12.75 -23.95
C GLU A 230 25.83 11.31 -23.83
N LEU A 231 25.17 10.95 -22.73
CA LEU A 231 24.71 9.58 -22.52
C LEU A 231 23.54 9.20 -23.43
N TRP A 232 22.86 10.18 -24.02
CA TRP A 232 21.59 9.94 -24.68
C TRP A 232 21.67 10.29 -26.16
N SER A 233 20.90 9.57 -26.97
CA SER A 233 21.00 9.67 -28.42
C SER A 233 20.44 11.00 -28.91
N ASP A 234 20.53 11.20 -30.22
CA ASP A 234 19.94 12.38 -30.85
C ASP A 234 18.43 12.25 -30.96
N ASP A 235 17.91 11.02 -31.09
CA ASP A 235 16.47 10.83 -31.18
C ASP A 235 15.79 11.13 -29.84
N PHE A 236 16.39 10.68 -28.74
CA PHE A 236 15.77 10.87 -27.43
C PHE A 236 15.83 12.33 -27.00
N THR A 237 17.01 12.96 -27.10
CA THR A 237 17.14 14.35 -26.70
C THR A 237 16.22 15.26 -27.49
N ASP A 238 16.04 14.97 -28.78
CA ASP A 238 15.15 15.79 -29.60
C ASP A 238 13.70 15.59 -29.21
N PHE A 239 13.31 14.34 -28.92
CA PHE A 239 11.96 14.06 -28.47
C PHE A 239 11.64 14.83 -27.19
N VAL A 240 12.56 14.83 -26.23
CA VAL A 240 12.36 15.61 -25.01
C VAL A 240 12.40 17.09 -25.29
N LYS A 241 13.17 17.50 -26.30
CA LYS A 241 13.20 18.91 -26.69
C LYS A 241 11.87 19.34 -27.29
N LYS A 242 11.21 18.45 -28.03
CA LYS A 242 9.89 18.76 -28.58
C LYS A 242 8.80 18.68 -27.53
N CYS A 243 8.98 17.87 -26.49
CA CYS A 243 8.01 17.82 -25.40
C CYS A 243 8.10 19.06 -24.52
N LEU A 244 9.31 19.55 -24.26
CA LEU A 244 9.52 20.62 -23.29
C LEU A 244 9.68 21.97 -23.95
N VAL A 245 8.71 22.32 -24.81
CA VAL A 245 8.62 23.67 -25.36
C VAL A 245 7.78 24.50 -24.40
N LYS A 246 8.39 25.56 -23.86
CA LYS A 246 7.68 26.37 -22.87
C LYS A 246 6.39 26.95 -23.44
N ASN A 247 6.41 27.38 -24.69
CA ASN A 247 5.22 27.93 -25.32
C ASN A 247 4.29 26.79 -25.73
N PRO A 248 3.09 26.69 -25.17
CA PRO A 248 2.23 25.54 -25.50
C PRO A 248 1.79 25.51 -26.96
N GLU A 249 1.64 26.67 -27.60
CA GLU A 249 1.17 26.69 -28.98
C GLU A 249 2.22 26.20 -29.95
N GLN A 250 3.49 26.12 -29.53
CA GLN A 250 4.55 25.52 -30.33
C GLN A 250 4.98 24.16 -29.78
N ARG A 251 4.17 23.55 -28.93
CA ARG A 251 4.47 22.27 -28.31
C ARG A 251 3.81 21.14 -29.09
N ALA A 252 4.54 20.06 -29.30
CA ALA A 252 4.03 18.94 -30.08
C ALA A 252 2.82 18.31 -29.41
N THR A 253 1.96 17.70 -30.22
CA THR A 253 0.79 16.99 -29.72
C THR A 253 1.11 15.51 -29.55
N ALA A 254 0.14 14.77 -29.01
CA ALA A 254 0.31 13.32 -28.86
C ALA A 254 0.45 12.65 -30.22
N THR A 255 -0.50 12.90 -31.12
CA THR A 255 -0.48 12.25 -32.42
C THR A 255 0.83 12.55 -33.16
N GLN A 256 1.27 13.82 -33.13
CA GLN A 256 2.48 14.19 -33.85
C GLN A 256 3.71 13.47 -33.29
N LEU A 257 3.77 13.31 -31.97
CA LEU A 257 4.95 12.67 -31.38
C LEU A 257 4.98 11.17 -31.66
N LEU A 258 3.82 10.54 -31.87
CA LEU A 258 3.78 9.16 -32.31
C LEU A 258 4.53 8.94 -33.63
N GLN A 259 4.88 10.01 -34.34
CA GLN A 259 5.64 9.92 -35.58
C GLN A 259 7.05 10.48 -35.42
N HIS A 260 7.58 10.48 -34.20
CA HIS A 260 8.92 10.95 -33.94
C HIS A 260 9.93 9.82 -34.09
N PRO A 261 11.15 10.10 -34.57
CA PRO A 261 12.15 9.02 -34.70
C PRO A 261 12.34 8.19 -33.43
N PHE A 262 12.39 8.85 -32.27
CA PHE A 262 12.54 8.12 -31.01
C PHE A 262 11.42 7.13 -30.78
N ILE A 263 10.23 7.41 -31.32
CA ILE A 263 9.10 6.50 -31.16
C ILE A 263 9.04 5.45 -32.27
N LYS A 264 9.59 5.76 -33.45
CA LYS A 264 9.55 4.80 -34.55
C LYS A 264 10.57 3.68 -34.34
N ASN A 265 11.74 4.00 -33.80
CA ASN A 265 12.73 2.99 -33.45
C ASN A 265 12.39 2.25 -32.16
N ALA A 266 11.21 2.51 -31.59
CA ALA A 266 10.79 1.82 -30.38
C ALA A 266 10.58 0.35 -30.67
N LYS A 267 11.00 -0.50 -29.75
CA LYS A 267 10.95 -1.94 -29.92
C LYS A 267 9.62 -2.49 -29.44
N PRO A 268 9.34 -3.76 -29.70
CA PRO A 268 8.11 -4.37 -29.19
C PRO A 268 8.09 -4.35 -27.66
N VAL A 269 6.89 -4.57 -27.12
CA VAL A 269 6.72 -4.66 -25.68
C VAL A 269 7.51 -5.82 -25.09
N SER A 270 8.07 -6.69 -25.93
CA SER A 270 8.78 -7.87 -25.45
C SER A 270 10.11 -7.54 -24.80
N ILE A 271 10.65 -6.34 -25.02
CA ILE A 271 11.95 -6.01 -24.42
C ILE A 271 11.82 -5.67 -22.94
N LEU A 272 10.62 -5.34 -22.48
CA LEU A 272 10.39 -5.05 -21.06
C LEU A 272 10.25 -6.31 -20.22
N ARG A 273 10.37 -7.50 -20.84
CA ARG A 273 10.11 -8.74 -20.11
C ARG A 273 11.17 -9.00 -19.05
N ASP A 274 12.44 -8.71 -19.36
CA ASP A 274 13.51 -9.02 -18.42
C ASP A 274 13.46 -8.10 -17.20
N LEU A 275 13.25 -6.80 -17.41
CA LEU A 275 13.17 -5.89 -16.26
C LEU A 275 11.89 -6.11 -15.47
N ILE A 276 10.82 -6.58 -16.11
CA ILE A 276 9.61 -6.94 -15.37
C ILE A 276 9.83 -8.21 -14.57
N THR A 277 10.62 -9.16 -15.11
CA THR A 277 10.98 -10.34 -14.34
C THR A 277 11.91 -9.98 -13.19
N GLU A 278 12.85 -9.06 -13.42
CA GLU A 278 13.74 -8.61 -12.35
C GLU A 278 12.95 -8.02 -11.20
N ALA A 279 12.01 -7.13 -11.50
CA ALA A 279 11.25 -6.45 -10.45
C ALA A 279 10.35 -7.43 -9.71
N MET A 280 9.63 -8.27 -10.44
CA MET A 280 8.71 -9.21 -9.79
C MET A 280 9.46 -10.18 -8.88
N GLU A 281 10.68 -10.56 -9.24
CA GLU A 281 11.48 -11.43 -8.39
C GLU A 281 11.94 -10.70 -7.12
N ILE A 282 12.36 -9.45 -7.27
CA ILE A 282 12.75 -8.65 -6.10
C ILE A 282 11.56 -8.42 -5.20
N LYS A 283 10.39 -8.15 -5.78
CA LYS A 283 9.17 -7.99 -5.00
C LYS A 283 8.83 -9.30 -4.28
N ALA A 284 9.04 -10.43 -4.94
CA ALA A 284 8.71 -11.72 -4.35
C ALA A 284 9.71 -12.11 -3.27
N LYS A 285 10.99 -11.80 -3.49
CA LYS A 285 12.03 -12.26 -2.56
C LYS A 285 11.92 -11.55 -1.21
N ARG A 286 11.45 -10.30 -1.20
CA ARG A 286 11.24 -9.61 0.08
C ARG A 286 9.93 -10.05 0.75
N HIS A 287 8.97 -10.53 -0.03
CA HIS A 287 7.78 -11.13 0.57
C HIS A 287 8.11 -12.45 1.26
N GLU A 288 9.10 -13.18 0.73
CA GLU A 288 9.57 -14.40 1.40
C GLU A 288 10.38 -14.05 2.64
N GLU A 289 11.28 -13.07 2.54
CA GLU A 289 12.03 -12.62 3.71
C GLU A 289 11.10 -12.11 4.80
N GLN A 290 9.96 -11.53 4.42
CA GLN A 290 9.06 -10.96 5.40
C GLN A 290 8.30 -12.04 6.16
N GLN A 291 7.85 -13.08 5.46
CA GLN A 291 7.12 -14.17 6.10
C GLN A 291 8.02 -15.26 6.64
N ARG A 292 9.25 -15.38 6.15
CA ARG A 292 10.21 -16.29 6.79
C ARG A 292 10.71 -15.71 8.11
N GLU A 293 10.83 -14.39 8.19
CA GLU A 293 11.16 -13.72 9.44
C GLU A 293 9.94 -13.56 10.35
N LEU A 294 8.74 -13.91 9.86
CA LEU A 294 7.52 -13.84 10.65
C LEU A 294 7.23 -15.17 11.35
N GLU A 295 7.24 -16.27 10.61
CA GLU A 295 7.16 -17.60 11.20
C GLU A 295 8.45 -18.01 11.88
N GLU A 296 9.48 -17.17 11.83
CA GLU A 296 10.68 -17.37 12.64
C GLU A 296 10.45 -16.98 14.08
N GLU A 297 9.77 -15.86 14.32
CA GLU A 297 9.38 -15.46 15.66
C GLU A 297 8.37 -16.39 16.29
N GLU A 298 7.81 -17.33 15.53
CA GLU A 298 6.78 -18.22 16.04
C GLU A 298 7.32 -19.21 17.07
N ASN A 299 8.63 -19.49 17.05
CA ASN A 299 9.23 -20.47 17.94
C ASN A 299 9.89 -19.82 19.15
N TRP A 300 9.57 -18.55 19.42
CA TRP A 300 9.91 -17.91 20.68
C TRP A 300 8.71 -17.80 21.61
N LYS A 301 7.52 -18.07 21.11
CA LYS A 301 6.33 -18.08 21.95
C LYS A 301 6.37 -19.30 22.87
N VAL A 302 5.50 -19.29 23.87
CA VAL A 302 5.55 -20.35 24.89
C VAL A 302 5.08 -21.66 24.28
N PRO A 303 5.76 -22.77 24.53
CA PRO A 303 5.25 -24.07 24.06
C PRO A 303 3.84 -24.32 24.56
N GLN A 304 2.96 -24.68 23.62
CA GLN A 304 1.52 -24.62 23.88
C GLN A 304 1.07 -25.68 24.89
N ASP A 305 1.66 -26.87 24.82
CA ASP A 305 1.26 -27.93 25.75
C ASP A 305 1.61 -27.63 27.21
N GLY A 306 2.33 -26.55 27.46
CA GLY A 306 2.72 -26.19 28.81
C GLY A 306 3.84 -27.02 29.40
N ASP A 307 4.38 -27.97 28.64
CA ASP A 307 5.46 -28.84 29.10
C ASP A 307 6.79 -28.16 28.84
N PHE A 308 7.55 -27.90 29.91
CA PHE A 308 8.84 -27.22 29.80
C PHE A 308 9.99 -28.13 30.24
N ASP A 309 9.78 -29.44 30.26
CA ASP A 309 10.86 -30.35 30.64
C ASP A 309 11.95 -30.38 29.57
N PHE A 310 11.59 -30.13 28.32
CA PHE A 310 12.55 -30.14 27.23
C PHE A 310 13.69 -29.14 27.39
N LEU A 311 13.56 -28.19 28.32
CA LEU A 311 14.62 -27.20 28.49
C LEU A 311 15.94 -27.86 28.87
N LYS A 312 15.91 -29.09 29.37
CA LYS A 312 17.13 -29.82 29.67
C LYS A 312 17.98 -30.09 28.43
N ASN A 313 17.38 -30.03 27.25
CA ASN A 313 18.06 -30.35 26.00
C ASN A 313 18.64 -29.11 25.31
N LEU A 314 18.41 -27.93 25.85
CA LEU A 314 18.84 -26.70 25.18
C LEU A 314 20.21 -26.28 25.70
N SER A 315 20.95 -25.59 24.83
CA SER A 315 22.22 -25.00 25.24
C SER A 315 21.95 -23.71 25.98
N LEU A 316 22.55 -23.59 27.17
CA LEU A 316 22.59 -22.37 27.95
C LEU A 316 22.31 -21.11 27.14
N GLU A 317 22.96 -20.97 25.99
CA GLU A 317 22.76 -19.79 25.14
C GLU A 317 21.32 -19.75 24.61
N GLU A 318 20.79 -20.89 24.19
CA GLU A 318 19.40 -20.94 23.75
C GLU A 318 18.45 -20.63 24.90
N LEU A 319 18.79 -21.06 26.11
CA LEU A 319 17.96 -20.72 27.28
C LEU A 319 17.96 -19.22 27.53
N GLN A 320 19.14 -18.59 27.46
CA GLN A 320 19.21 -17.14 27.59
C GLN A 320 18.33 -16.45 26.55
N MET A 321 18.39 -16.92 25.32
CA MET A 321 17.68 -16.27 24.22
C MET A 321 16.17 -16.30 24.44
N ARG A 322 15.64 -17.39 24.99
CA ARG A 322 14.20 -17.48 25.19
C ARG A 322 13.76 -16.58 26.34
N LEU A 323 14.49 -16.60 27.45
CA LEU A 323 14.20 -15.68 28.54
C LEU A 323 14.18 -14.24 28.05
N LYS A 324 15.13 -13.89 27.18
CA LYS A 324 15.22 -12.52 26.68
C LYS A 324 14.03 -12.18 25.77
N ALA A 325 13.72 -13.07 24.83
CA ALA A 325 12.61 -12.86 23.90
C ALA A 325 11.25 -13.02 24.57
N LEU A 326 11.22 -13.38 25.85
CA LEU A 326 9.97 -13.73 26.50
C LEU A 326 9.02 -12.54 26.53
N ASP A 327 9.50 -11.38 27.02
CA ASP A 327 8.64 -10.21 27.12
C ASP A 327 8.23 -9.68 25.75
N PRO A 328 9.16 -9.37 24.83
CA PRO A 328 8.72 -8.88 23.51
C PRO A 328 7.71 -9.78 22.83
N MET A 329 7.73 -11.09 23.10
CA MET A 329 6.74 -11.98 22.51
C MET A 329 5.45 -12.03 23.30
N MET A 330 5.47 -11.73 24.59
CA MET A 330 4.23 -11.71 25.36
C MET A 330 3.40 -10.49 25.03
N GLU A 331 4.04 -9.32 24.90
CA GLU A 331 3.30 -8.13 24.49
C GLU A 331 2.77 -8.28 23.06
N ARG A 332 3.44 -9.10 22.24
CA ARG A 332 2.94 -9.36 20.89
C ARG A 332 1.66 -10.18 20.94
N GLU A 333 1.67 -11.29 21.70
CA GLU A 333 0.46 -12.09 21.84
C GLU A 333 -0.67 -11.29 22.47
N ILE A 334 -0.35 -10.52 23.51
CA ILE A 334 -1.37 -9.74 24.19
C ILE A 334 -1.95 -8.67 23.27
N GLU A 335 -1.08 -7.96 22.53
CA GLU A 335 -1.56 -6.95 21.59
C GLU A 335 -2.52 -7.57 20.57
N GLU A 336 -2.09 -8.66 19.94
CA GLU A 336 -2.96 -9.35 18.99
C GLU A 336 -4.18 -9.96 19.65
N LEU A 337 -4.23 -10.00 20.97
CA LEU A 337 -5.43 -10.43 21.67
C LEU A 337 -6.43 -9.29 21.86
N ARG A 338 -5.97 -8.13 22.33
CA ARG A 338 -6.87 -7.00 22.46
C ARG A 338 -7.32 -6.50 21.09
N GLN A 339 -6.42 -6.47 20.11
CA GLN A 339 -6.80 -5.96 18.79
C GLN A 339 -7.85 -6.86 18.14
N ARG A 340 -7.89 -8.14 18.51
CA ARG A 340 -8.97 -9.01 18.07
C ARG A 340 -10.25 -8.79 18.86
N TYR A 341 -10.14 -8.61 20.17
CA TYR A 341 -11.32 -8.57 21.02
C TYR A 341 -12.03 -7.23 20.98
N THR A 342 -11.27 -6.13 20.90
CA THR A 342 -11.92 -4.84 20.67
C THR A 342 -12.57 -4.78 19.30
N ALA A 343 -12.13 -5.63 18.37
CA ALA A 343 -12.77 -5.73 17.06
C ALA A 343 -14.04 -6.56 17.10
N LYS A 344 -14.01 -7.69 17.83
CA LYS A 344 -15.23 -8.46 18.04
C LYS A 344 -16.23 -7.71 18.89
N ARG A 345 -15.74 -6.85 19.80
CA ARG A 345 -16.58 -6.17 20.76
C ARG A 345 -17.15 -4.85 20.23
N GLN A 346 -16.59 -4.29 19.17
CA GLN A 346 -17.04 -2.98 18.70
C GLN A 346 -18.42 -3.03 18.05
N PRO A 347 -18.68 -3.90 17.07
CA PRO A 347 -20.02 -3.89 16.45
C PRO A 347 -21.15 -3.99 17.46
N ILE A 348 -20.89 -4.63 18.60
CA ILE A 348 -21.85 -4.63 19.69
C ILE A 348 -22.02 -3.22 20.24
N LEU A 349 -20.91 -2.57 20.58
CA LEU A 349 -20.98 -1.20 21.12
C LEU A 349 -21.57 -0.24 20.10
N ASP A 350 -21.11 -0.32 18.84
CA ASP A 350 -21.65 0.56 17.81
C ASP A 350 -23.16 0.40 17.67
N ALA A 351 -23.67 -0.81 17.89
CA ALA A 351 -25.12 -1.02 17.78
C ALA A 351 -25.86 -0.39 18.96
N MET A 352 -25.35 -0.57 20.17
CA MET A 352 -25.97 0.06 21.34
C MET A 352 -26.00 1.57 21.20
N ASP A 353 -25.07 2.14 20.45
CA ASP A 353 -25.00 3.59 20.31
C ASP A 353 -26.09 4.11 19.40
N ALA A 354 -26.34 3.45 18.28
CA ALA A 354 -27.41 3.86 17.39
C ALA A 354 -28.77 3.78 18.08
N LYS A 355 -28.95 2.77 18.93
CA LYS A 355 -30.23 2.62 19.63
C LYS A 355 -30.47 3.76 20.61
N LYS A 356 -29.43 4.19 21.33
CA LYS A 356 -29.60 5.30 22.26
C LYS A 356 -29.99 6.58 21.52
N ARG A 357 -29.42 6.80 20.34
CA ARG A 357 -29.80 7.95 19.53
C ARG A 357 -31.28 7.88 19.14
N ARG A 358 -31.71 6.72 18.64
CA ARG A 358 -33.12 6.54 18.30
C ARG A 358 -34.02 6.88 19.47
N GLN A 359 -33.63 6.46 20.67
CA GLN A 359 -34.38 6.79 21.89
C GLN A 359 -34.28 8.29 22.16
N SER B 1 -21.53 4.41 53.68
CA SER B 1 -20.54 4.36 52.61
C SER B 1 -21.13 3.65 51.39
N LEU B 2 -20.40 3.69 50.27
CA LEU B 2 -20.88 3.16 49.01
C LEU B 2 -20.25 1.79 48.74
N LEU B 3 -21.08 0.85 48.28
CA LEU B 3 -20.65 -0.51 47.98
C LEU B 3 -20.89 -0.81 46.51
N VAL B 4 -19.81 -1.00 45.76
CA VAL B 4 -19.90 -1.43 44.37
C VAL B 4 -19.94 -2.95 44.36
N PRO B 5 -20.79 -3.58 43.55
CA PRO B 5 -20.90 -5.04 43.58
C PRO B 5 -19.90 -5.72 42.67
N ALA B 6 -19.60 -6.98 43.00
CA ALA B 6 -18.73 -7.78 42.16
C ALA B 6 -19.33 -7.89 40.76
N ASN B 7 -18.48 -8.23 39.80
CA ASN B 7 -18.92 -8.27 38.41
C ASN B 7 -20.07 -9.26 38.28
N PRO B 8 -21.20 -8.86 37.69
CA PRO B 8 -22.34 -9.78 37.63
C PRO B 8 -22.11 -10.99 36.75
N TYR B 9 -21.15 -10.92 35.83
CA TYR B 9 -20.97 -11.99 34.84
C TYR B 9 -20.10 -13.13 35.34
N HIS B 10 -19.34 -12.93 36.42
CA HIS B 10 -18.52 -14.02 36.94
C HIS B 10 -19.35 -15.26 37.24
N THR B 11 -20.61 -15.07 37.62
CA THR B 11 -21.50 -16.17 37.97
C THR B 11 -22.44 -16.56 36.84
N ALA B 12 -22.86 -15.62 36.01
CA ALA B 12 -23.77 -15.93 34.92
C ALA B 12 -23.05 -16.74 33.85
N GLU B 13 -23.67 -17.85 33.44
CA GLU B 13 -23.04 -18.72 32.46
C GLU B 13 -23.03 -18.07 31.09
N ILE B 14 -21.95 -18.31 30.33
CA ILE B 14 -21.67 -17.60 29.09
C ILE B 14 -22.09 -18.51 27.94
N PRO B 15 -22.96 -18.06 27.03
CA PRO B 15 -23.45 -18.97 25.97
C PRO B 15 -22.33 -19.37 25.01
N ASP B 16 -22.40 -20.61 24.53
CA ASP B 16 -21.31 -21.18 23.75
C ASP B 16 -21.20 -20.54 22.37
N TRP B 17 -22.30 -20.01 21.82
CA TRP B 17 -22.23 -19.39 20.49
C TRP B 17 -21.38 -18.13 20.53
N LEU B 18 -21.33 -17.45 21.68
CA LEU B 18 -20.53 -16.24 21.80
C LEU B 18 -19.04 -16.56 21.92
N GLN B 19 -18.70 -17.69 22.56
CA GLN B 19 -17.32 -18.16 22.54
C GLN B 19 -16.89 -18.53 21.13
N VAL B 20 -17.82 -19.00 20.30
CA VAL B 20 -17.53 -19.21 18.89
C VAL B 20 -17.30 -17.88 18.19
N TYR B 21 -18.07 -16.85 18.57
CA TYR B 21 -17.92 -15.53 17.97
C TYR B 21 -16.56 -14.92 18.31
N ALA B 22 -15.98 -15.31 19.45
CA ALA B 22 -14.68 -14.79 19.83
C ALA B 22 -13.55 -15.56 19.16
N ARG B 23 -13.68 -16.88 19.05
CA ARG B 23 -12.72 -17.69 18.31
C ARG B 23 -12.83 -17.51 16.82
N ALA B 24 -13.90 -16.87 16.34
CA ALA B 24 -14.13 -16.66 14.91
C ALA B 24 -12.95 -15.93 14.29
N PRO B 25 -12.84 -15.91 12.96
CA PRO B 25 -11.71 -15.23 12.33
C PRO B 25 -11.93 -13.73 12.22
N VAL B 26 -10.83 -13.02 11.95
CA VAL B 26 -10.91 -11.59 11.72
C VAL B 26 -11.89 -11.29 10.58
N LYS B 27 -11.91 -12.13 9.56
CA LYS B 27 -12.78 -11.95 8.41
C LYS B 27 -14.24 -11.91 8.84
N TYR B 28 -14.80 -13.08 9.15
CA TYR B 28 -16.20 -13.20 9.52
C TYR B 28 -16.46 -12.54 10.86
N ASP B 29 -16.78 -11.25 10.84
CA ASP B 29 -17.03 -10.48 12.04
C ASP B 29 -18.29 -9.64 11.94
N HIS B 30 -18.52 -8.99 10.81
CA HIS B 30 -19.76 -8.27 10.55
C HIS B 30 -20.88 -9.20 10.11
N ILE B 31 -20.59 -10.50 9.96
CA ILE B 31 -21.60 -11.46 9.52
C ILE B 31 -22.89 -11.32 10.33
N LEU B 32 -22.77 -10.96 11.60
CA LEU B 32 -23.91 -10.91 12.51
C LEU B 32 -24.37 -9.47 12.67
N LYS B 33 -25.67 -9.24 12.47
CA LYS B 33 -26.27 -7.93 12.67
C LYS B 33 -26.88 -7.88 14.06
N TRP B 34 -26.54 -6.84 14.82
CA TRP B 34 -26.96 -6.73 16.21
C TRP B 34 -28.18 -5.83 16.40
N GLU B 35 -28.62 -5.12 15.36
CA GLU B 35 -29.75 -4.21 15.52
C GLU B 35 -30.98 -4.92 16.05
N LEU B 36 -31.14 -6.20 15.74
CA LEU B 36 -32.35 -6.92 16.17
C LEU B 36 -32.39 -7.09 17.68
N PHE B 37 -31.24 -7.26 18.33
CA PHE B 37 -31.22 -7.35 19.78
C PHE B 37 -31.75 -6.07 20.41
N GLN B 38 -32.20 -6.19 21.66
CA GLN B 38 -32.63 -5.02 22.42
C GLN B 38 -31.42 -4.39 23.11
N LEU B 39 -31.55 -3.10 23.42
CA LEU B 39 -30.42 -2.33 23.93
C LEU B 39 -29.85 -2.95 25.20
N ALA B 40 -30.68 -3.62 26.00
CA ALA B 40 -30.25 -4.11 27.31
C ALA B 40 -29.62 -5.49 27.24
N ASP B 41 -30.21 -6.41 26.46
CA ASP B 41 -29.61 -7.73 26.27
C ASP B 41 -28.25 -7.62 25.57
N LEU B 42 -28.07 -6.56 24.78
CA LEU B 42 -26.80 -6.32 24.11
C LEU B 42 -25.72 -5.88 25.09
N ASP B 43 -26.11 -5.14 26.13
CA ASP B 43 -25.18 -4.81 27.21
C ASP B 43 -24.67 -6.07 27.89
N THR B 44 -25.54 -7.07 28.06
CA THR B 44 -25.17 -8.31 28.72
C THR B 44 -24.28 -9.20 27.86
N TYR B 45 -23.89 -8.75 26.67
CA TYR B 45 -23.02 -9.52 25.79
C TYR B 45 -21.63 -8.92 25.66
N GLN B 46 -21.53 -7.62 25.40
CA GLN B 46 -20.22 -6.98 25.32
C GLN B 46 -19.48 -7.11 26.64
N GLY B 47 -20.20 -7.23 27.75
CA GLY B 47 -19.55 -7.43 29.03
C GLY B 47 -18.99 -8.83 29.18
N MET B 48 -19.68 -9.82 28.62
CA MET B 48 -19.17 -11.19 28.66
C MET B 48 -17.96 -11.35 27.75
N LEU B 49 -17.86 -10.52 26.71
CA LEU B 49 -16.66 -10.53 25.87
C LEU B 49 -15.45 -10.00 26.63
N LYS B 50 -15.64 -8.96 27.44
CA LYS B 50 -14.58 -8.55 28.36
C LYS B 50 -14.18 -9.72 29.26
N LEU B 51 -15.18 -10.36 29.87
CA LEU B 51 -14.89 -11.47 30.77
C LEU B 51 -14.16 -12.60 30.06
N LEU B 52 -14.49 -12.83 28.79
CA LEU B 52 -13.77 -13.85 28.01
C LEU B 52 -12.35 -13.39 27.70
N PHE B 53 -12.21 -12.14 27.26
CA PHE B 53 -10.88 -11.56 27.05
C PHE B 53 -10.03 -11.69 28.30
N MET B 54 -10.63 -11.53 29.48
CA MET B 54 -9.87 -11.64 30.72
C MET B 54 -9.43 -13.08 30.97
N LYS B 55 -10.37 -14.03 30.92
CA LYS B 55 -10.00 -15.43 31.07
C LYS B 55 -8.96 -15.83 30.04
N GLU B 56 -9.05 -15.25 28.83
CA GLU B 56 -8.07 -15.56 27.79
C GLU B 56 -6.73 -14.89 28.06
N LEU B 57 -6.76 -13.64 28.55
CA LEU B 57 -5.53 -12.93 28.83
C LEU B 57 -4.85 -13.44 30.09
N GLU B 58 -5.62 -13.86 31.09
CA GLU B 58 -5.02 -14.49 32.26
C GLU B 58 -4.24 -15.73 31.87
N GLN B 59 -4.82 -16.57 31.01
CA GLN B 59 -4.13 -17.79 30.59
C GLN B 59 -2.83 -17.46 29.87
N ILE B 60 -2.82 -16.40 29.06
CA ILE B 60 -1.59 -15.98 28.40
C ILE B 60 -0.52 -15.65 29.43
N VAL B 61 -0.84 -14.81 30.41
CA VAL B 61 0.16 -14.35 31.35
C VAL B 61 0.66 -15.50 32.21
N LYS B 62 -0.24 -16.37 32.67
CA LYS B 62 0.18 -17.50 33.47
C LYS B 62 1.17 -18.38 32.71
N MET B 63 0.85 -18.69 31.45
CA MET B 63 1.74 -19.50 30.63
C MET B 63 3.14 -18.90 30.57
N TYR B 64 3.23 -17.58 30.40
CA TYR B 64 4.53 -16.93 30.32
C TYR B 64 5.22 -16.87 31.68
N GLU B 65 4.45 -16.76 32.76
CA GLU B 65 5.05 -16.82 34.09
C GLU B 65 5.61 -18.20 34.37
N ALA B 66 4.91 -19.25 33.92
CA ALA B 66 5.44 -20.60 34.08
C ALA B 66 6.68 -20.81 33.22
N TYR B 67 6.59 -20.48 31.94
CA TYR B 67 7.74 -20.58 31.04
C TYR B 67 8.90 -19.74 31.56
N ARG B 68 8.62 -18.60 32.19
CA ARG B 68 9.68 -17.79 32.78
C ARG B 68 10.36 -18.54 33.92
N GLN B 69 9.56 -19.14 34.82
CA GLN B 69 10.15 -19.86 35.94
C GLN B 69 10.90 -21.11 35.46
N ALA B 70 10.31 -21.86 34.54
CA ALA B 70 11.00 -23.02 33.97
C ALA B 70 12.36 -22.63 33.44
N LEU B 71 12.43 -21.53 32.68
CA LEU B 71 13.70 -21.06 32.15
C LEU B 71 14.66 -20.69 33.27
N LEU B 72 14.20 -19.89 34.24
CA LEU B 72 15.06 -19.44 35.32
C LEU B 72 15.52 -20.60 36.20
N THR B 73 14.63 -21.57 36.45
CA THR B 73 15.02 -22.75 37.21
C THR B 73 16.13 -23.51 36.50
N GLU B 74 15.91 -23.85 35.22
CA GLU B 74 16.91 -24.59 34.47
C GLU B 74 18.22 -23.82 34.38
N LEU B 75 18.15 -22.51 34.14
CA LEU B 75 19.36 -21.71 34.10
C LEU B 75 20.10 -21.74 35.43
N GLU B 76 19.37 -21.84 36.54
CA GLU B 76 20.02 -22.02 37.83
C GLU B 76 20.67 -23.39 37.94
N ASN B 77 20.12 -24.39 37.26
CA ASN B 77 20.71 -25.73 37.30
C ASN B 77 21.99 -25.80 36.49
N ARG B 78 22.02 -25.13 35.33
CA ARG B 78 23.25 -25.08 34.56
C ARG B 78 24.33 -24.33 35.33
N LYS B 79 23.94 -23.34 36.12
CA LYS B 79 24.89 -22.63 36.97
C LYS B 79 25.42 -23.53 38.06
N GLN B 80 24.52 -24.22 38.79
CA GLN B 80 24.95 -25.11 39.86
C GLN B 80 25.64 -26.35 39.31
N ARG B 81 25.20 -26.84 38.15
CA ARG B 81 25.91 -27.93 37.50
C ARG B 81 27.35 -27.54 37.18
N GLN B 82 27.54 -26.29 36.77
CA GLN B 82 28.87 -25.82 36.39
C GLN B 82 29.79 -25.72 37.60
N GLN B 83 29.37 -25.00 38.63
CA GLN B 83 30.20 -24.85 39.83
C GLN B 83 30.69 -26.21 40.32
N TRP B 84 29.79 -27.18 40.39
CA TRP B 84 30.13 -28.51 40.87
C TRP B 84 31.25 -29.15 40.06
N TYR B 85 31.49 -28.70 38.82
CA TYR B 85 32.59 -29.24 38.02
C TYR B 85 33.91 -28.62 38.44
N ALA B 86 33.99 -27.29 38.44
CA ALA B 86 35.21 -26.59 38.81
C ALA B 86 35.60 -26.90 40.26
PG ANP C . -0.57 9.93 -7.56
O1G ANP C . -1.04 8.94 -8.69
O2G ANP C . -1.52 9.73 -6.30
O3G ANP C . -0.66 11.33 -8.08
PB ANP C . 1.29 7.97 -6.91
O1B ANP C . 0.72 7.18 -8.13
O2B ANP C . 2.75 7.70 -6.85
N3B ANP C . 1.02 9.61 -7.10
PA ANP C . -0.58 6.41 -5.71
O1A ANP C . -1.54 6.82 -6.75
O2A ANP C . -1.14 6.28 -4.28
O3A ANP C . 0.58 7.48 -5.61
O5' ANP C . 0.13 5.08 -6.19
C5' ANP C . 1.16 4.46 -5.40
C4' ANP C . 1.42 3.07 -5.94
O4' ANP C . 0.16 2.43 -6.20
C3' ANP C . 2.15 3.02 -7.27
O3' ANP C . 3.57 3.01 -7.09
C2' ANP C . 1.65 1.70 -7.91
O2' ANP C . 2.60 0.65 -7.82
C1' ANP C . 0.39 1.36 -7.10
N9 ANP C . -0.80 1.20 -7.93
C8 ANP C . -1.77 2.12 -8.20
N7 ANP C . -2.71 1.70 -9.00
C5 ANP C . -2.33 0.41 -9.29
C6 ANP C . -2.92 -0.60 -10.09
N6 ANP C . -4.05 -0.43 -10.78
N1 ANP C . -2.28 -1.79 -10.16
C2 ANP C . -1.14 -1.96 -9.48
N3 ANP C . -0.50 -1.09 -8.69
C4 ANP C . -1.16 0.08 -8.64
HNB1 ANP C . 1.59 9.94 -7.74
H5'1 ANP C . 0.89 4.41 -4.47
H5'2 ANP C . 1.98 4.99 -5.47
H4' ANP C . 1.90 2.52 -5.29
H3' ANP C . 1.88 3.76 -7.82
HO3' ANP C . 3.95 3.27 -7.84
H2' ANP C . 1.38 1.86 -8.82
HO2' ANP C . 2.86 0.56 -6.99
H1' ANP C . 0.56 0.55 -6.60
H8 ANP C . -1.76 3.01 -7.83
HN61 ANP C . -4.51 0.38 -10.73
HN62 ANP C . -4.37 -1.11 -11.31
H2 ANP C . -0.73 -2.83 -9.56
MG MG D . -0.92 6.38 -9.32
#